data_8APS
#
_entry.id   8APS
#
_cell.length_a   82.565
_cell.length_b   112.833
_cell.length_c   62.582
_cell.angle_alpha   90.000
_cell.angle_beta   90.000
_cell.angle_gamma   90.000
#
_symmetry.space_group_name_H-M   'C 2 2 21'
#
loop_
_entity.id
_entity.type
_entity.pdbx_description
1 polymer '14-3-3 protein sigma'
2 polymer 'Estrogen receptor'
3 non-polymer 'MAGNESIUM ION'
4 non-polymer 2-chloranyl-1-[3-[(2R,6S)-4-[(4-chlorophenyl)amino]-2,6-dimethyl-oxan-4-yl]carbonyl-3,9-diazaspiro[5.5]undecan-9-yl]ethanone
5 water water
#
loop_
_entity_poly.entity_id
_entity_poly.type
_entity_poly.pdbx_seq_one_letter_code
_entity_poly.pdbx_strand_id
1 'polypeptide(L)'
;GAMGSMERASLIQKAKLAEQAERYEDMAAFMKGAVEKGEELSCEERNLLSVAYKNVVGGQRAAWRVLSSIEQKSNEEGSE
EKGPEVREYREKVETELQGVCDTVLGLLDSHLIKEAGDAESRVFYLKMKGDYYRYLAEVATGDDKKRIIDSARSAYQEAM
DISKKEMPPTNPIRLGLALNFSVFHYEIANSPEEAISLAKTTFDEAMADLHTLSEDSYKDSTLIMQLLRDNLTLWT
;
A
2 'polypeptide(L)' FPA(TPO)V B
#
loop_
_chem_comp.id
_chem_comp.type
_chem_comp.name
_chem_comp.formula
MG non-polymer 'MAGNESIUM ION' 'Mg 2'
NJ3 non-polymer 2-chloranyl-1-[3-[(2R,6S)-4-[(4-chlorophenyl)amino]-2,6-dimethyl-oxan-4-yl]carbonyl-3,9-diazaspiro[5.5]undecan-9-yl]ethanone 'C25 H35 Cl2 N3 O3'
#
# COMPACT_ATOMS: atom_id res chain seq x y z
N GLY A 1 0.48 -17.79 18.38
CA GLY A 1 0.44 -17.71 16.90
C GLY A 1 0.98 -18.99 16.32
N ALA A 2 0.41 -19.40 15.17
CA ALA A 2 0.73 -20.68 14.56
C ALA A 2 2.19 -20.77 14.13
N MET A 3 2.83 -19.62 13.87
CA MET A 3 4.24 -19.59 13.50
C MET A 3 5.18 -19.43 14.69
N GLY A 4 4.66 -19.45 15.93
CA GLY A 4 5.47 -19.22 17.10
C GLY A 4 6.58 -20.24 17.33
N SER A 5 6.39 -21.47 16.84
CA SER A 5 7.40 -22.51 17.01
C SER A 5 8.44 -22.58 15.90
N MET A 6 8.31 -21.78 14.84
CA MET A 6 9.23 -21.82 13.71
C MET A 6 10.30 -20.74 13.85
N GLU A 7 11.55 -21.13 13.58
CA GLU A 7 12.67 -20.20 13.61
C GLU A 7 12.42 -18.97 12.70
N ARG A 8 12.90 -17.81 13.16
CA ARG A 8 12.83 -16.59 12.35
C ARG A 8 13.45 -16.82 10.95
N ALA A 9 14.64 -17.42 10.89
CA ALA A 9 15.32 -17.57 9.60
C ALA A 9 14.55 -18.52 8.68
N SER A 10 13.93 -19.56 9.27
CA SER A 10 13.12 -20.48 8.52
C SER A 10 11.86 -19.82 7.94
N LEU A 11 11.24 -18.91 8.71
CA LEU A 11 10.09 -18.16 8.24
C LEU A 11 10.44 -17.29 7.04
N ILE A 12 11.59 -16.61 7.11
CA ILE A 12 12.07 -15.79 6.01
C ILE A 12 12.38 -16.64 4.78
N GLN A 13 13.07 -17.78 4.97
CA GLN A 13 13.36 -18.68 3.88
C GLN A 13 12.05 -19.13 3.19
N LYS A 14 11.07 -19.55 3.98
CA LYS A 14 9.81 -20.02 3.45
C LYS A 14 9.00 -18.88 2.79
N ALA A 15 9.11 -17.66 3.30
CA ALA A 15 8.47 -16.53 2.64
C ALA A 15 9.01 -16.38 1.20
N LYS A 16 10.32 -16.56 1.03
CA LYS A 16 10.93 -16.44 -0.27
C LYS A 16 10.48 -17.59 -1.21
N LEU A 17 10.36 -18.80 -0.67
CA LEU A 17 9.83 -19.93 -1.45
C LEU A 17 8.37 -19.69 -1.85
N ALA A 18 7.56 -19.17 -0.92
CA ALA A 18 6.18 -18.87 -1.19
C ALA A 18 6.04 -17.84 -2.31
N GLU A 19 6.91 -16.81 -2.29
CA GLU A 19 6.94 -15.83 -3.36
C GLU A 19 7.22 -16.50 -4.72
N GLN A 20 8.23 -17.37 -4.78
CA GLN A 20 8.54 -18.07 -6.02
C GLN A 20 7.38 -18.91 -6.53
N ALA A 21 6.62 -19.50 -5.60
CA ALA A 21 5.45 -20.33 -5.93
C ALA A 21 4.16 -19.53 -6.12
N GLU A 22 4.23 -18.20 -6.00
CA GLU A 22 3.07 -17.30 -6.08
C GLU A 22 1.98 -17.64 -5.07
N ARG A 23 2.42 -18.04 -3.87
CA ARG A 23 1.56 -18.41 -2.73
C ARG A 23 1.57 -17.24 -1.76
N TYR A 24 0.87 -16.15 -2.09
CA TYR A 24 1.05 -14.89 -1.34
C TYR A 24 0.39 -14.93 0.03
N GLU A 25 -0.69 -15.70 0.20
CA GLU A 25 -1.27 -15.86 1.53
C GLU A 25 -0.28 -16.53 2.46
N ASP A 26 0.36 -17.61 2.00
CA ASP A 26 1.40 -18.26 2.79
C ASP A 26 2.55 -17.29 3.08
N MET A 27 2.99 -16.56 2.04
CA MET A 27 4.10 -15.59 2.19
C MET A 27 3.78 -14.60 3.31
N ALA A 28 2.56 -14.09 3.30
CA ALA A 28 2.13 -13.12 4.32
C ALA A 28 2.11 -13.72 5.72
N ALA A 29 1.61 -14.95 5.84
CA ALA A 29 1.59 -15.61 7.13
C ALA A 29 3.00 -15.87 7.68
N PHE A 30 3.94 -16.26 6.81
CA PHE A 30 5.32 -16.44 7.21
C PHE A 30 5.93 -15.13 7.68
N MET A 31 5.69 -14.05 6.93
CA MET A 31 6.25 -12.74 7.29
C MET A 31 5.63 -12.18 8.58
N LYS A 32 4.33 -12.41 8.79
CA LYS A 32 3.70 -12.05 10.05
C LYS A 32 4.42 -12.76 11.22
N GLY A 33 4.65 -14.06 11.05
CA GLY A 33 5.39 -14.80 12.06
C GLY A 33 6.77 -14.24 12.33
N ALA A 34 7.47 -13.84 11.26
CA ALA A 34 8.80 -13.26 11.40
C ALA A 34 8.74 -11.92 12.15
N VAL A 35 7.79 -11.05 11.83
CA VAL A 35 7.64 -9.79 12.54
C VAL A 35 7.39 -10.05 14.03
N GLU A 36 6.55 -11.03 14.33
CA GLU A 36 6.16 -11.32 15.70
C GLU A 36 7.29 -11.90 16.56
N LYS A 37 8.43 -12.26 15.95
CA LYS A 37 9.62 -12.58 16.74
C LYS A 37 10.14 -11.38 17.54
N GLY A 38 9.79 -10.15 17.14
CA GLY A 38 10.08 -8.96 17.89
C GLY A 38 11.34 -8.22 17.50
N GLU A 39 12.16 -8.80 16.63
CA GLU A 39 13.36 -8.14 16.12
C GLU A 39 12.98 -7.21 14.97
N GLU A 40 13.76 -6.13 14.79
CA GLU A 40 13.60 -5.25 13.63
C GLU A 40 13.83 -6.05 12.33
N LEU A 41 13.32 -5.52 11.21
CA LEU A 41 13.44 -6.12 9.89
C LEU A 41 14.48 -5.39 9.07
N SER A 42 15.29 -6.15 8.34
CA SER A 42 16.22 -5.61 7.37
C SER A 42 15.48 -5.05 6.16
N CYS A 43 16.20 -4.35 5.28
CA CYS A 43 15.61 -3.85 4.05
C CYS A 43 14.89 -4.96 3.27
N GLU A 44 15.61 -6.07 3.04
CA GLU A 44 15.04 -7.14 2.27
C GLU A 44 13.79 -7.72 2.94
N GLU A 45 13.84 -7.87 4.27
CA GLU A 45 12.72 -8.40 5.02
C GLU A 45 11.50 -7.47 4.99
N ARG A 46 11.73 -6.16 5.07
CA ARG A 46 10.63 -5.17 4.95
C ARG A 46 9.98 -5.32 3.57
N ASN A 47 10.79 -5.48 2.52
CA ASN A 47 10.25 -5.65 1.19
C ASN A 47 9.41 -6.92 1.09
N LEU A 48 9.88 -8.03 1.67
CA LEU A 48 9.08 -9.28 1.64
C LEU A 48 7.72 -9.09 2.32
N LEU A 49 7.73 -8.42 3.47
CA LEU A 49 6.49 -8.15 4.20
C LEU A 49 5.50 -7.37 3.31
N SER A 50 6.01 -6.31 2.68
N SER A 50 6.01 -6.30 2.68
CA SER A 50 5.20 -5.46 1.86
CA SER A 50 5.18 -5.44 1.84
C SER A 50 4.66 -6.19 0.62
C SER A 50 4.66 -6.14 0.58
N VAL A 51 5.52 -6.95 -0.06
CA VAL A 51 5.11 -7.68 -1.27
C VAL A 51 3.98 -8.66 -0.96
N ALA A 52 4.12 -9.37 0.16
CA ALA A 52 3.16 -10.40 0.52
C ALA A 52 1.77 -9.79 0.70
N TYR A 53 1.67 -8.79 1.58
CA TYR A 53 0.36 -8.19 1.89
C TYR A 53 -0.16 -7.39 0.70
N LYS A 54 0.71 -6.72 -0.06
CA LYS A 54 0.23 -5.97 -1.23
C LYS A 54 -0.50 -6.89 -2.20
N ASN A 55 0.06 -8.09 -2.41
CA ASN A 55 -0.53 -9.07 -3.32
C ASN A 55 -1.83 -9.64 -2.76
N VAL A 56 -1.86 -9.99 -1.47
CA VAL A 56 -3.08 -10.52 -0.86
C VAL A 56 -4.21 -9.48 -0.95
N VAL A 57 -3.96 -8.26 -0.49
CA VAL A 57 -5.03 -7.25 -0.45
C VAL A 57 -5.36 -6.79 -1.87
N GLY A 58 -4.37 -6.78 -2.78
CA GLY A 58 -4.64 -6.46 -4.17
C GLY A 58 -5.68 -7.37 -4.80
N GLY A 59 -5.56 -8.67 -4.53
CA GLY A 59 -6.55 -9.62 -5.04
C GLY A 59 -7.91 -9.40 -4.43
N GLN A 60 -7.94 -9.11 -3.12
CA GLN A 60 -9.21 -8.82 -2.44
C GLN A 60 -9.89 -7.56 -3.00
N ARG A 61 -9.10 -6.52 -3.25
CA ARG A 61 -9.64 -5.26 -3.81
C ARG A 61 -10.21 -5.51 -5.21
N ALA A 62 -9.51 -6.30 -6.05
CA ALA A 62 -10.02 -6.57 -7.37
C ALA A 62 -11.37 -7.30 -7.27
N ALA A 63 -11.46 -8.27 -6.37
CA ALA A 63 -12.70 -9.05 -6.20
C ALA A 63 -13.82 -8.15 -5.69
N TRP A 64 -13.48 -7.31 -4.69
CA TRP A 64 -14.46 -6.36 -4.13
C TRP A 64 -15.03 -5.45 -5.21
N ARG A 65 -14.18 -4.96 -6.10
CA ARG A 65 -14.64 -4.05 -7.18
C ARG A 65 -15.60 -4.80 -8.14
N VAL A 66 -15.29 -6.06 -8.47
CA VAL A 66 -16.18 -6.83 -9.34
C VAL A 66 -17.56 -6.94 -8.68
N LEU A 67 -17.57 -7.31 -7.40
CA LEU A 67 -18.83 -7.53 -6.68
C LEU A 67 -19.61 -6.22 -6.46
N SER A 68 -18.89 -5.15 -6.13
CA SER A 68 -19.51 -3.85 -5.93
C SER A 68 -20.18 -3.36 -7.22
N SER A 69 -19.55 -3.61 -8.37
CA SER A 69 -20.14 -3.22 -9.66
C SER A 69 -21.43 -3.98 -9.92
N ILE A 70 -21.44 -5.29 -9.65
CA ILE A 70 -22.64 -6.10 -9.82
C ILE A 70 -23.74 -5.58 -8.88
N GLU A 71 -23.36 -5.25 -7.64
CA GLU A 71 -24.32 -4.74 -6.65
C GLU A 71 -24.92 -3.40 -7.12
N GLN A 72 -24.08 -2.51 -7.65
CA GLN A 72 -24.52 -1.21 -8.15
C GLN A 72 -25.53 -1.40 -9.28
N LYS A 73 -25.22 -2.30 -10.22
CA LYS A 73 -26.12 -2.60 -11.34
C LYS A 73 -27.47 -3.13 -10.83
N SER A 74 -27.44 -3.94 -9.76
CA SER A 74 -28.65 -4.50 -9.16
C SER A 74 -29.59 -3.45 -8.57
N ASN A 75 -29.04 -2.29 -8.20
CA ASN A 75 -29.82 -1.20 -7.62
C ASN A 75 -30.25 -0.11 -8.62
N GLU A 76 -30.05 -0.38 -9.91
CA GLU A 76 -30.56 0.48 -11.00
C GLU A 76 -32.03 0.18 -11.32
N GLU A 77 -32.74 1.19 -11.84
CA GLU A 77 -34.13 1.06 -12.26
C GLU A 77 -34.24 0.01 -13.37
N GLY A 78 -35.24 -0.87 -13.24
CA GLY A 78 -35.50 -1.93 -14.21
C GLY A 78 -34.76 -3.23 -13.92
N SER A 79 -33.85 -3.20 -12.94
CA SER A 79 -33.10 -4.38 -12.51
C SER A 79 -34.02 -5.25 -11.67
N GLU A 80 -34.06 -6.55 -11.99
CA GLU A 80 -34.87 -7.54 -11.30
C GLU A 80 -34.30 -7.77 -9.89
N GLU A 81 -35.18 -7.91 -8.89
CA GLU A 81 -34.80 -8.22 -7.51
C GLU A 81 -34.29 -9.66 -7.44
N LYS A 82 -33.08 -9.83 -6.90
CA LYS A 82 -32.41 -11.14 -6.84
C LYS A 82 -32.08 -11.58 -5.41
N GLY A 83 -32.58 -10.83 -4.42
CA GLY A 83 -32.41 -11.15 -3.01
C GLY A 83 -31.14 -10.59 -2.42
N PRO A 84 -30.79 -11.02 -1.19
CA PRO A 84 -29.67 -10.43 -0.46
C PRO A 84 -28.28 -10.96 -0.82
N GLU A 85 -28.20 -11.93 -1.74
CA GLU A 85 -26.94 -12.66 -1.96
C GLU A 85 -25.77 -11.83 -2.45
N VAL A 86 -26.00 -10.91 -3.39
CA VAL A 86 -24.92 -10.08 -3.90
C VAL A 86 -24.33 -9.22 -2.77
N ARG A 87 -25.21 -8.56 -2.01
CA ARG A 87 -24.76 -7.74 -0.86
C ARG A 87 -24.02 -8.62 0.14
N GLU A 88 -24.59 -9.79 0.48
CA GLU A 88 -23.95 -10.66 1.46
C GLU A 88 -22.54 -11.04 1.03
N TYR A 89 -22.38 -11.41 -0.23
CA TYR A 89 -21.06 -11.91 -0.68
C TYR A 89 -20.07 -10.74 -0.80
N ARG A 90 -20.53 -9.58 -1.26
CA ARG A 90 -19.67 -8.36 -1.25
C ARG A 90 -19.23 -8.07 0.19
N GLU A 91 -20.15 -8.15 1.16
CA GLU A 91 -19.83 -7.96 2.55
C GLU A 91 -18.81 -8.99 3.06
N LYS A 92 -18.93 -10.23 2.64
CA LYS A 92 -17.98 -11.28 3.04
C LYS A 92 -16.57 -10.92 2.61
N VAL A 93 -16.42 -10.59 1.33
CA VAL A 93 -15.13 -10.21 0.78
C VAL A 93 -14.60 -8.94 1.48
N GLU A 94 -15.49 -7.96 1.67
CA GLU A 94 -15.14 -6.73 2.36
C GLU A 94 -14.60 -6.97 3.77
N THR A 95 -15.27 -7.84 4.52
CA THR A 95 -14.88 -8.12 5.88
C THR A 95 -13.49 -8.80 5.90
N GLU A 96 -13.25 -9.72 4.96
CA GLU A 96 -11.96 -10.36 4.87
C GLU A 96 -10.85 -9.35 4.55
N LEU A 97 -11.12 -8.43 3.60
CA LEU A 97 -10.21 -7.37 3.24
C LEU A 97 -9.88 -6.49 4.44
N GLN A 98 -10.92 -6.06 5.15
CA GLN A 98 -10.71 -5.25 6.34
C GLN A 98 -9.86 -6.00 7.37
N GLY A 99 -10.09 -7.31 7.51
CA GLY A 99 -9.29 -8.11 8.43
C GLY A 99 -7.81 -8.11 8.09
N VAL A 100 -7.49 -8.25 6.81
CA VAL A 100 -6.10 -8.23 6.38
C VAL A 100 -5.48 -6.84 6.65
N CYS A 101 -6.22 -5.79 6.31
CA CYS A 101 -5.73 -4.43 6.58
C CYS A 101 -5.47 -4.23 8.08
N ASP A 102 -6.40 -4.68 8.93
CA ASP A 102 -6.24 -4.56 10.37
C ASP A 102 -5.02 -5.35 10.86
N THR A 103 -4.77 -6.51 10.25
CA THR A 103 -3.60 -7.31 10.59
C THR A 103 -2.30 -6.55 10.30
N VAL A 104 -2.20 -5.96 9.11
CA VAL A 104 -0.99 -5.23 8.72
C VAL A 104 -0.81 -4.02 9.63
N LEU A 105 -1.88 -3.25 9.83
CA LEU A 105 -1.81 -2.08 10.69
C LEU A 105 -1.39 -2.48 12.10
N GLY A 106 -1.88 -3.63 12.57
CA GLY A 106 -1.51 -4.14 13.88
C GLY A 106 -0.01 -4.44 13.99
N LEU A 107 0.58 -5.03 12.95
CA LEU A 107 2.01 -5.29 12.95
C LEU A 107 2.80 -3.97 12.97
N LEU A 108 2.33 -2.98 12.21
CA LEU A 108 2.99 -1.69 12.17
C LEU A 108 2.93 -0.99 13.54
N ASP A 109 1.79 -1.11 14.22
CA ASP A 109 1.60 -0.48 15.52
C ASP A 109 2.23 -1.25 16.68
N SER A 110 2.47 -2.55 16.47
CA SER A 110 2.94 -3.45 17.54
C SER A 110 4.01 -4.38 16.98
N HIS A 111 5.26 -3.89 16.77
CA HIS A 111 5.77 -2.60 17.20
C HIS A 111 6.75 -2.04 16.15
N LEU A 112 6.49 -2.28 14.86
CA LEU A 112 7.45 -1.93 13.84
C LEU A 112 7.78 -0.44 13.77
N ILE A 113 6.76 0.39 13.74
CA ILE A 113 7.00 1.83 13.56
C ILE A 113 7.78 2.43 14.73
N LYS A 114 7.40 2.09 15.98
CA LYS A 114 8.01 2.73 17.13
C LYS A 114 9.51 2.40 17.25
N GLU A 115 9.96 1.26 16.69
CA GLU A 115 11.38 0.89 16.73
C GLU A 115 12.15 1.35 15.50
N ALA A 116 11.48 1.92 14.49
CA ALA A 116 12.11 2.32 13.24
C ALA A 116 12.63 3.75 13.35
N GLY A 117 13.96 3.88 13.43
CA GLY A 117 14.63 5.16 13.56
C GLY A 117 15.30 5.70 12.32
N ASP A 118 15.74 4.82 11.42
CA ASP A 118 16.40 5.27 10.20
C ASP A 118 15.32 5.73 9.22
N ALA A 119 15.63 6.72 8.40
CA ALA A 119 14.63 7.22 7.46
C ALA A 119 14.09 6.12 6.56
N GLU A 120 14.95 5.23 6.07
CA GLU A 120 14.51 4.25 5.10
C GLU A 120 13.49 3.29 5.67
N SER A 121 13.65 2.92 6.94
CA SER A 121 12.70 2.01 7.58
C SER A 121 11.43 2.78 7.95
N ARG A 122 11.60 3.92 8.61
CA ARG A 122 10.43 4.65 9.15
C ARG A 122 9.53 5.15 8.01
N VAL A 123 10.12 5.72 6.97
CA VAL A 123 9.31 6.20 5.83
C VAL A 123 8.56 5.03 5.18
N PHE A 124 9.25 3.90 5.01
CA PHE A 124 8.64 2.73 4.38
C PHE A 124 7.43 2.24 5.17
N TYR A 125 7.57 2.13 6.51
CA TYR A 125 6.46 1.66 7.35
C TYR A 125 5.31 2.67 7.39
N LEU A 126 5.61 3.97 7.45
CA LEU A 126 4.57 4.97 7.47
C LEU A 126 3.81 5.00 6.13
N LYS A 127 4.53 4.80 5.02
CA LYS A 127 3.89 4.63 3.71
C LYS A 127 2.91 3.44 3.74
N MET A 128 3.37 2.30 4.27
CA MET A 128 2.49 1.15 4.41
C MET A 128 1.25 1.49 5.25
N LYS A 129 1.44 2.21 6.36
CA LYS A 129 0.31 2.59 7.19
C LYS A 129 -0.70 3.41 6.37
N GLY A 130 -0.20 4.37 5.60
CA GLY A 130 -1.07 5.15 4.71
C GLY A 130 -1.80 4.27 3.71
N ASP A 131 -1.08 3.33 3.10
CA ASP A 131 -1.65 2.44 2.09
C ASP A 131 -2.81 1.62 2.69
N TYR A 132 -2.61 1.01 3.87
CA TYR A 132 -3.66 0.09 4.39
C TYR A 132 -4.84 0.91 4.93
N TYR A 133 -4.63 2.11 5.48
CA TYR A 133 -5.78 2.98 5.78
C TYR A 133 -6.48 3.40 4.47
N ARG A 134 -5.73 3.66 3.41
CA ARG A 134 -6.35 3.97 2.09
C ARG A 134 -7.24 2.81 1.65
N TYR A 135 -6.78 1.56 1.78
CA TYR A 135 -7.62 0.42 1.38
C TYR A 135 -8.87 0.32 2.27
N LEU A 136 -8.75 0.61 3.57
CA LEU A 136 -9.93 0.68 4.42
C LEU A 136 -10.88 1.80 3.94
N ALA A 137 -10.32 2.94 3.51
CA ALA A 137 -11.14 4.06 3.06
C ALA A 137 -11.90 3.73 1.77
N GLU A 138 -11.30 2.89 0.91
CA GLU A 138 -11.94 2.54 -0.35
C GLU A 138 -13.30 1.87 -0.14
N VAL A 139 -13.43 1.12 0.97
CA VAL A 139 -14.66 0.36 1.24
C VAL A 139 -15.53 0.98 2.34
N ALA A 140 -15.06 2.07 2.95
CA ALA A 140 -15.78 2.72 4.04
C ALA A 140 -16.96 3.51 3.51
N THR A 141 -18.09 3.36 4.18
CA THR A 141 -19.32 4.08 3.85
C THR A 141 -20.05 4.64 5.06
N GLY A 142 -19.49 4.46 6.27
CA GLY A 142 -20.12 4.85 7.52
C GLY A 142 -19.55 6.06 8.27
N ASP A 143 -19.84 6.12 9.58
CA ASP A 143 -19.54 7.28 10.44
C ASP A 143 -18.07 7.53 10.69
N ASP A 144 -17.25 6.49 10.54
CA ASP A 144 -15.81 6.62 10.72
C ASP A 144 -15.02 6.90 9.44
N LYS A 145 -15.72 7.05 8.31
CA LYS A 145 -15.02 7.23 7.03
C LYS A 145 -14.05 8.40 7.06
N LYS A 146 -14.50 9.54 7.59
CA LYS A 146 -13.64 10.70 7.66
C LYS A 146 -12.40 10.43 8.50
N ARG A 147 -12.55 9.76 9.64
CA ARG A 147 -11.39 9.45 10.51
C ARG A 147 -10.47 8.46 9.78
N ILE A 148 -11.01 7.49 9.03
CA ILE A 148 -10.15 6.55 8.32
C ILE A 148 -9.31 7.28 7.27
N ILE A 149 -9.97 8.16 6.51
CA ILE A 149 -9.29 8.98 5.52
C ILE A 149 -8.20 9.82 6.17
N ASP A 150 -8.53 10.42 7.33
CA ASP A 150 -7.55 11.26 8.01
C ASP A 150 -6.36 10.46 8.52
N SER A 151 -6.59 9.22 8.96
CA SER A 151 -5.50 8.35 9.40
C SER A 151 -4.54 8.04 8.25
N ALA A 152 -5.08 7.78 7.06
CA ALA A 152 -4.24 7.59 5.86
C ALA A 152 -3.41 8.85 5.59
N ARG A 153 -4.12 9.98 5.55
CA ARG A 153 -3.47 11.28 5.26
C ARG A 153 -2.32 11.52 6.25
N SER A 154 -2.58 11.35 7.55
CA SER A 154 -1.58 11.64 8.59
C SER A 154 -0.35 10.78 8.47
N ALA A 155 -0.53 9.49 8.18
CA ALA A 155 0.60 8.60 8.02
C ALA A 155 1.44 8.99 6.79
N TYR A 156 0.76 9.22 5.66
CA TYR A 156 1.46 9.65 4.44
C TYR A 156 2.20 10.97 4.72
N GLN A 157 1.56 11.92 5.40
CA GLN A 157 2.18 13.22 5.62
C GLN A 157 3.45 13.11 6.48
N GLU A 158 3.40 12.33 7.55
CA GLU A 158 4.60 12.12 8.36
C GLU A 158 5.73 11.52 7.53
N ALA A 159 5.38 10.52 6.70
CA ALA A 159 6.35 9.89 5.82
C ALA A 159 6.95 10.92 4.84
N MET A 160 6.09 11.78 4.28
CA MET A 160 6.54 12.79 3.34
C MET A 160 7.51 13.75 4.02
N ASP A 161 7.16 14.19 5.23
CA ASP A 161 8.00 15.17 5.92
C ASP A 161 9.42 14.60 6.15
N ILE A 162 9.50 13.36 6.62
CA ILE A 162 10.79 12.71 6.85
C ILE A 162 11.53 12.53 5.53
N SER A 163 10.83 12.05 4.50
CA SER A 163 11.48 11.76 3.22
C SER A 163 12.11 13.01 2.60
N LYS A 164 11.42 14.15 2.73
CA LYS A 164 11.94 15.38 2.14
C LYS A 164 13.18 15.87 2.88
N LYS A 165 13.23 15.66 4.20
CA LYS A 165 14.36 16.07 5.01
C LYS A 165 15.57 15.17 4.84
N GLU A 166 15.33 13.85 4.73
CA GLU A 166 16.36 12.84 4.94
C GLU A 166 16.80 12.04 3.71
N MET A 167 16.06 12.11 2.59
CA MET A 167 16.33 11.31 1.40
C MET A 167 16.49 12.19 0.17
N PRO A 168 17.32 11.78 -0.81
CA PRO A 168 17.42 12.52 -2.06
C PRO A 168 16.14 12.36 -2.87
N PRO A 169 15.86 13.30 -3.80
CA PRO A 169 14.62 13.25 -4.56
C PRO A 169 14.45 12.02 -5.47
N THR A 170 15.55 11.31 -5.75
CA THR A 170 15.50 10.09 -6.56
C THR A 170 15.37 8.81 -5.74
N ASN A 171 15.39 8.91 -4.42
CA ASN A 171 15.34 7.71 -3.59
C ASN A 171 14.07 6.92 -3.92
N PRO A 172 14.16 5.60 -4.25
CA PRO A 172 12.97 4.84 -4.62
C PRO A 172 11.83 4.86 -3.58
N ILE A 173 12.16 4.89 -2.28
CA ILE A 173 11.13 4.94 -1.24
C ILE A 173 10.42 6.29 -1.26
N ARG A 174 11.19 7.37 -1.37
CA ARG A 174 10.60 8.72 -1.48
C ARG A 174 9.68 8.76 -2.72
N LEU A 175 10.13 8.21 -3.85
CA LEU A 175 9.34 8.21 -5.07
C LEU A 175 8.06 7.41 -4.94
N GLY A 176 8.16 6.20 -4.39
CA GLY A 176 6.99 5.34 -4.25
C GLY A 176 5.96 5.91 -3.28
N LEU A 177 6.44 6.50 -2.18
CA LEU A 177 5.56 7.22 -1.25
C LEU A 177 4.79 8.33 -1.97
N ALA A 178 5.51 9.16 -2.73
CA ALA A 178 4.87 10.28 -3.42
C ALA A 178 3.84 9.80 -4.45
N LEU A 179 4.20 8.75 -5.18
CA LEU A 179 3.27 8.14 -6.15
C LEU A 179 1.95 7.77 -5.45
N ASN A 180 2.06 7.06 -4.32
CA ASN A 180 0.88 6.54 -3.65
C ASN A 180 0.10 7.66 -2.94
N PHE A 181 0.79 8.64 -2.33
CA PHE A 181 0.10 9.76 -1.71
C PHE A 181 -0.65 10.57 -2.76
N SER A 182 -0.04 10.75 -3.95
CA SER A 182 -0.73 11.41 -5.06
C SER A 182 -2.03 10.66 -5.43
N VAL A 183 -1.97 9.34 -5.52
CA VAL A 183 -3.17 8.54 -5.77
C VAL A 183 -4.20 8.73 -4.64
N PHE A 184 -3.77 8.74 -3.39
CA PHE A 184 -4.64 9.07 -2.27
C PHE A 184 -5.40 10.39 -2.52
N HIS A 185 -4.66 11.43 -2.91
CA HIS A 185 -5.31 12.71 -3.15
C HIS A 185 -6.37 12.60 -4.24
N TYR A 186 -6.05 11.89 -5.33
CA TYR A 186 -6.93 11.81 -6.51
C TYR A 186 -8.18 10.98 -6.21
N GLU A 187 -7.99 9.81 -5.64
CA GLU A 187 -9.02 8.78 -5.52
C GLU A 187 -9.79 8.78 -4.20
N ILE A 188 -9.16 9.27 -3.11
CA ILE A 188 -9.74 9.20 -1.79
C ILE A 188 -10.16 10.57 -1.27
N ALA A 189 -9.28 11.56 -1.41
CA ALA A 189 -9.48 12.88 -0.80
C ALA A 189 -10.18 13.88 -1.71
N ASN A 190 -10.58 13.46 -2.92
CA ASN A 190 -11.27 14.37 -3.85
C ASN A 190 -10.46 15.64 -4.14
N SER A 191 -9.15 15.45 -4.31
CA SER A 191 -8.21 16.54 -4.50
C SER A 191 -7.34 16.29 -5.73
N PRO A 192 -7.93 16.24 -6.94
CA PRO A 192 -7.16 15.93 -8.14
C PRO A 192 -6.05 16.97 -8.41
N GLU A 193 -6.27 18.25 -8.10
CA GLU A 193 -5.21 19.23 -8.33
C GLU A 193 -3.99 18.94 -7.47
N GLU A 194 -4.22 18.57 -6.21
CA GLU A 194 -3.12 18.23 -5.32
C GLU A 194 -2.38 16.98 -5.83
N ALA A 195 -3.15 16.00 -6.31
CA ALA A 195 -2.56 14.79 -6.86
C ALA A 195 -1.63 15.08 -8.03
N ILE A 196 -2.09 15.94 -8.95
CA ILE A 196 -1.35 16.29 -10.14
C ILE A 196 -0.10 17.11 -9.76
N SER A 197 -0.27 18.10 -8.89
CA SER A 197 0.86 18.92 -8.46
C SER A 197 1.96 18.06 -7.81
N LEU A 198 1.53 17.15 -6.92
CA LEU A 198 2.50 16.30 -6.24
C LEU A 198 3.24 15.40 -7.23
N ALA A 199 2.52 14.76 -8.15
CA ALA A 199 3.18 13.90 -9.12
C ALA A 199 4.17 14.69 -10.00
N LYS A 200 3.77 15.87 -10.45
CA LYS A 200 4.61 16.70 -11.33
C LYS A 200 5.88 17.16 -10.61
N THR A 201 5.71 17.73 -9.40
CA THR A 201 6.85 18.24 -8.68
C THR A 201 7.81 17.10 -8.32
N THR A 202 7.25 15.96 -7.88
CA THR A 202 8.10 14.80 -7.57
C THR A 202 8.92 14.37 -8.79
N PHE A 203 8.25 14.23 -9.94
CA PHE A 203 8.92 13.83 -11.19
C PHE A 203 10.05 14.80 -11.53
N ASP A 204 9.75 16.09 -11.51
CA ASP A 204 10.68 17.09 -11.96
C ASP A 204 11.92 17.19 -11.03
N GLU A 205 11.69 17.07 -9.72
CA GLU A 205 12.79 17.12 -8.78
C GLU A 205 13.68 15.89 -8.88
N ALA A 206 13.07 14.75 -9.16
CA ALA A 206 13.83 13.54 -9.41
C ALA A 206 14.68 13.67 -10.67
N MET A 207 14.07 14.15 -11.75
CA MET A 207 14.79 14.35 -13.01
C MET A 207 16.10 15.11 -12.79
N ALA A 208 16.01 16.20 -12.02
CA ALA A 208 17.13 17.07 -11.76
C ALA A 208 18.26 16.43 -10.94
N ASP A 209 17.96 15.31 -10.25
CA ASP A 209 18.93 14.62 -9.39
C ASP A 209 19.48 13.35 -10.02
N LEU A 210 18.97 12.94 -11.20
CA LEU A 210 19.44 11.72 -11.84
C LEU A 210 20.94 11.74 -12.14
N HIS A 211 21.50 12.93 -12.41
CA HIS A 211 22.91 13.06 -12.80
C HIS A 211 23.88 12.56 -11.72
N THR A 212 23.42 12.43 -10.48
CA THR A 212 24.24 12.04 -9.32
C THR A 212 24.39 10.52 -9.20
N LEU A 213 23.62 9.76 -10.00
CA LEU A 213 23.39 8.34 -9.77
C LEU A 213 24.24 7.43 -10.64
N SER A 214 24.53 6.25 -10.12
CA SER A 214 25.07 5.15 -10.90
C SER A 214 24.04 4.65 -11.92
N GLU A 215 24.49 3.84 -12.87
CA GLU A 215 23.62 3.20 -13.83
C GLU A 215 22.48 2.43 -13.16
N ASP A 216 22.82 1.62 -12.15
CA ASP A 216 21.82 0.81 -11.50
C ASP A 216 20.81 1.65 -10.72
N SER A 217 21.27 2.68 -10.00
CA SER A 217 20.35 3.55 -9.27
C SER A 217 19.45 4.31 -10.23
N TYR A 218 20.04 4.75 -11.34
CA TYR A 218 19.27 5.44 -12.42
C TYR A 218 18.13 4.54 -12.90
N LYS A 219 18.42 3.28 -13.15
CA LYS A 219 17.39 2.35 -13.60
C LYS A 219 16.25 2.24 -12.55
N ASP A 220 16.62 2.10 -11.27
CA ASP A 220 15.64 1.98 -10.20
C ASP A 220 14.73 3.22 -10.12
N SER A 221 15.34 4.41 -10.17
CA SER A 221 14.59 5.64 -9.98
C SER A 221 13.68 5.89 -11.19
N THR A 222 14.22 5.72 -12.41
CA THR A 222 13.47 6.01 -13.63
C THR A 222 12.26 5.08 -13.78
N LEU A 223 12.37 3.83 -13.30
CA LEU A 223 11.24 2.91 -13.36
C LEU A 223 10.03 3.47 -12.61
N ILE A 224 10.26 4.03 -11.42
CA ILE A 224 9.15 4.58 -10.65
C ILE A 224 8.71 5.94 -11.20
N MET A 225 9.68 6.73 -11.70
CA MET A 225 9.33 8.00 -12.35
C MET A 225 8.35 7.79 -13.52
N GLN A 226 8.52 6.69 -14.25
CA GLN A 226 7.61 6.40 -15.35
C GLN A 226 6.19 6.23 -14.87
N LEU A 227 6.01 5.65 -13.67
CA LEU A 227 4.66 5.49 -13.11
C LEU A 227 4.02 6.84 -12.76
N LEU A 228 4.83 7.77 -12.23
CA LEU A 228 4.35 9.14 -12.02
C LEU A 228 3.86 9.74 -13.33
N ARG A 229 4.65 9.58 -14.40
CA ARG A 229 4.29 10.09 -15.75
C ARG A 229 3.01 9.41 -16.23
N ASP A 230 2.90 8.09 -16.02
CA ASP A 230 1.72 7.37 -16.48
C ASP A 230 0.45 7.93 -15.81
N ASN A 231 0.52 8.18 -14.50
CA ASN A 231 -0.62 8.73 -13.79
C ASN A 231 -0.93 10.15 -14.27
N LEU A 232 0.11 10.97 -14.49
CA LEU A 232 -0.12 12.31 -15.02
C LEU A 232 -0.82 12.27 -16.37
N THR A 233 -0.43 11.31 -17.22
CA THR A 233 -1.05 11.15 -18.52
C THR A 233 -2.52 10.73 -18.41
N LEU A 234 -2.82 9.86 -17.44
CA LEU A 234 -4.18 9.46 -17.17
C LEU A 234 -5.06 10.64 -16.72
N TRP A 235 -4.47 11.56 -15.95
CA TRP A 235 -5.19 12.61 -15.24
C TRP A 235 -5.27 13.95 -15.96
N THR A 236 -4.57 14.10 -17.09
N THR A 236 -4.48 14.11 -17.01
CA THR A 236 -4.54 15.35 -17.85
CA THR A 236 -4.34 15.36 -17.75
C THR A 236 -5.06 15.18 -19.27
C THR A 236 -4.33 15.03 -19.25
N PHE B 1 -7.43 1.92 -13.30
CA PHE B 1 -6.94 2.44 -11.99
C PHE B 1 -5.54 3.01 -12.16
N PRO B 2 -5.16 4.00 -11.33
CA PRO B 2 -3.81 4.55 -11.40
C PRO B 2 -2.76 3.63 -10.75
N ALA B 3 -1.49 3.86 -11.08
CA ALA B 3 -0.40 3.08 -10.56
C ALA B 3 -0.03 3.43 -9.13
N TPO B 4 0.18 2.39 -8.33
CA TPO B 4 0.74 2.47 -6.96
CB TPO B 4 -0.34 2.39 -5.88
CG2 TPO B 4 -1.29 3.57 -5.93
OG1 TPO B 4 -1.09 1.15 -6.15
P TPO B 4 -2.16 0.55 -5.10
O1P TPO B 4 -3.43 1.34 -5.19
O2P TPO B 4 -2.33 -0.87 -5.59
O3P TPO B 4 -1.56 0.67 -3.71
C TPO B 4 1.79 1.36 -6.81
O TPO B 4 1.73 0.38 -7.55
N VAL B 5 2.69 1.52 -5.86
CA VAL B 5 3.72 0.52 -5.57
C VAL B 5 3.74 0.10 -4.11
MG MG C . 3.86 21.08 -1.92
MG MG D . 15.37 -18.65 17.37
MG MG E . -19.17 -3.77 5.72
O2 NJ3 F . 14.11 -0.20 1.42
C17 NJ3 F . 14.21 -1.27 0.84
C18 NJ3 F . 15.25 -2.26 1.21
N3 NJ3 F . 13.38 -1.61 -0.15
C16 NJ3 F . 13.65 -2.67 -1.15
C15 NJ3 F . 13.79 -2.01 -2.54
C19 NJ3 F . 12.14 -0.90 -0.35
C20 NJ3 F . 12.36 -0.17 -1.67
C14 NJ3 F . 12.59 -1.12 -2.85
C13 NJ3 F . 11.32 -1.91 -3.15
C12 NJ3 F . 11.25 -2.50 -4.55
C21 NJ3 F . 12.93 -0.22 -4.06
C22 NJ3 F . 12.87 -0.92 -5.42
N2 NJ3 F . 11.54 -1.46 -5.55
C11 NJ3 F . 10.69 -0.97 -6.49
O1 NJ3 F . 11.09 -0.06 -7.20
C4 NJ3 F . 9.25 -1.50 -6.68
C3 NJ3 F . 9.34 -2.92 -7.23
C23 NJ3 F . 8.51 -0.63 -7.68
C24 NJ3 F . 8.94 -0.82 -9.15
C25 NJ3 F . 7.97 -0.10 -10.08
O3 NJ3 F . 8.93 -2.20 -9.47
C2 NJ3 F . 9.81 -2.97 -8.68
C1 NJ3 F . 9.90 -4.41 -9.20
N1 NJ3 F . 8.50 -1.52 -5.41
C5 NJ3 F . 8.44 -0.48 -4.51
C10 NJ3 F . 9.08 0.76 -4.68
C9 NJ3 F . 8.98 1.75 -3.69
C8 NJ3 F . 8.29 1.49 -2.54
CL2 NJ3 F . 8.22 2.74 -1.30
C7 NJ3 F . 7.64 0.28 -2.33
C6 NJ3 F . 7.74 -0.71 -3.31
#